data_6Y1V
#
_entry.id   6Y1V
#
_cell.length_a   88.539
_cell.length_b   88.539
_cell.length_c   180.297
_cell.angle_alpha   90.000
_cell.angle_beta   90.000
_cell.angle_gamma   120.000
#
_symmetry.space_group_name_H-M   'P 65'
#
loop_
_entity.id
_entity.type
_entity.pdbx_description
1 polymer 'Cell division protein FtsZ'
2 non-polymer 'DIMETHYL SULFOXIDE'
3 non-polymer "5'-GUANOSINE-DIPHOSPHATE-MONOTHIOPHOSPHATE"
4 non-polymer 4-HYDROXY-2H-CHROMEN-2-ONE
5 water water
#
_entity_poly.entity_id   1
_entity_poly.type   'polypeptide(L)'
_entity_poly.pdbx_seq_one_letter_code
;MTPPHNYLAVIKVVGIGGGGVNAVNRMIEQGLKGVEFIAINTDAQALLMSDADVKLDVGRDSTRGLGAGADPEVGRKAAE
DAKDEIEELLRGADMVFVTAGEGGGTGTGGAPVVASIARKLGALTVGVVTRPFSFEGKRRSNQAENGIAALRESCDTLIV
IPNDRLLQMGDAAVSLMDAFRSADEVLLNGVQGITDLITTPGLINVDFADVKGIMSGAGTALMGIGSARGEGRSLKAAEI
AINSPLLEASMEGAQGVLMSIAGGSDLGLFEINEAASLVQDAAHPDANIIFGTVIDDSLGDEVRVTVIAAGFDV
;
_entity_poly.pdbx_strand_id   A,B
#
# COMPACT_ATOMS: atom_id res chain seq x y z
N LEU A 8 -13.15 -0.39 -5.35
CA LEU A 8 -12.65 -1.76 -5.28
C LEU A 8 -12.07 -2.11 -3.91
N ALA A 9 -12.14 -3.38 -3.53
CA ALA A 9 -11.40 -3.80 -2.36
C ALA A 9 -9.91 -3.64 -2.65
N VAL A 10 -9.14 -3.23 -1.67
CA VAL A 10 -7.70 -3.11 -1.81
C VAL A 10 -7.08 -4.37 -1.24
N ILE A 11 -6.39 -5.12 -2.09
CA ILE A 11 -5.78 -6.40 -1.77
C ILE A 11 -4.27 -6.20 -1.79
N LYS A 12 -3.60 -6.56 -0.69
CA LYS A 12 -2.15 -6.57 -0.59
C LYS A 12 -1.63 -7.98 -0.30
N VAL A 13 -0.58 -8.40 -1.02
CA VAL A 13 0.01 -9.74 -0.90
C VAL A 13 1.45 -9.59 -0.38
N VAL A 14 1.73 -10.21 0.76
CA VAL A 14 3.03 -10.03 1.41
C VAL A 14 3.82 -11.34 1.28
N GLY A 15 4.96 -11.29 0.62
CA GLY A 15 5.92 -12.39 0.65
C GLY A 15 6.98 -12.07 1.63
N ILE A 16 7.16 -12.93 2.64
CA ILE A 16 8.12 -12.69 3.69
C ILE A 16 9.08 -13.87 3.81
N GLY A 17 10.36 -13.58 3.91
CA GLY A 17 11.37 -14.60 3.82
C GLY A 17 11.66 -14.91 2.37
N GLY A 18 12.74 -15.66 2.17
CA GLY A 18 13.19 -15.95 0.81
C GLY A 18 12.15 -16.64 -0.03
N GLY A 19 11.57 -17.73 0.49
CA GLY A 19 10.60 -18.47 -0.31
C GLY A 19 9.37 -17.64 -0.62
N GLY A 20 8.90 -16.87 0.37
CA GLY A 20 7.72 -16.04 0.18
C GLY A 20 7.93 -14.97 -0.87
N VAL A 21 9.13 -14.39 -0.88
CA VAL A 21 9.50 -13.39 -1.86
C VAL A 21 9.63 -14.02 -3.25
N ASN A 22 10.15 -15.24 -3.33
CA ASN A 22 10.22 -15.92 -4.63
C ASN A 22 8.82 -16.27 -5.15
N ALA A 23 7.94 -16.77 -4.29
CA ALA A 23 6.56 -16.97 -4.74
C ALA A 23 5.95 -15.69 -5.28
N VAL A 24 6.19 -14.57 -4.60
CA VAL A 24 5.64 -13.29 -5.06
C VAL A 24 6.20 -12.93 -6.44
N ASN A 25 7.50 -13.13 -6.66
CA ASN A 25 8.05 -12.83 -7.99
C ASN A 25 7.37 -13.66 -9.05
N ARG A 26 7.07 -14.91 -8.73
CA ARG A 26 6.39 -15.78 -9.67
C ARG A 26 4.96 -15.31 -9.93
N MET A 27 4.27 -14.86 -8.85
CA MET A 27 2.96 -14.24 -9.02
C MET A 27 3.02 -13.07 -10.00
N ILE A 28 4.07 -12.24 -9.86
CA ILE A 28 4.27 -11.08 -10.73
C ILE A 28 4.61 -11.54 -12.15
N GLU A 29 5.50 -12.54 -12.26
CA GLU A 29 5.86 -13.07 -13.57
C GLU A 29 4.66 -13.64 -14.31
N GLN A 30 3.75 -14.31 -13.60
CA GLN A 30 2.58 -14.93 -14.24
C GLN A 30 1.41 -13.96 -14.39
N GLY A 31 1.62 -12.67 -14.11
CA GLY A 31 0.62 -11.66 -14.37
C GLY A 31 -0.53 -11.51 -13.40
N LEU A 32 -0.42 -12.01 -12.15
CA LEU A 32 -1.47 -11.81 -11.15
C LEU A 32 -1.80 -10.34 -11.01
N LYS A 33 -3.06 -9.97 -11.25
CA LYS A 33 -3.38 -8.55 -11.28
C LYS A 33 -4.35 -8.17 -10.17
N GLY A 34 -4.54 -6.87 -10.00
CA GLY A 34 -5.42 -6.34 -8.99
C GLY A 34 -4.91 -6.34 -7.57
N VAL A 35 -3.62 -6.57 -7.34
CA VAL A 35 -3.11 -6.60 -5.98
C VAL A 35 -1.80 -5.83 -5.91
N GLU A 36 -1.48 -5.37 -4.73
CA GLU A 36 -0.18 -4.79 -4.44
C GLU A 36 0.72 -5.85 -3.80
N PHE A 37 1.92 -6.02 -4.34
CA PHE A 37 2.90 -6.99 -3.88
C PHE A 37 3.90 -6.33 -2.94
N ILE A 38 4.14 -6.96 -1.78
CA ILE A 38 5.01 -6.43 -0.75
C ILE A 38 5.99 -7.54 -0.42
N ALA A 39 7.27 -7.24 -0.53
CA ALA A 39 8.35 -8.16 -0.24
C ALA A 39 9.05 -7.69 1.02
N ILE A 40 9.12 -8.57 2.01
CA ILE A 40 9.83 -8.36 3.25
C ILE A 40 10.86 -9.46 3.42
N ASN A 41 12.12 -9.07 3.61
CA ASN A 41 13.17 -10.06 3.81
C ASN A 41 14.28 -9.46 4.65
N THR A 42 15.17 -10.35 5.09
CA THR A 42 16.33 -10.00 5.90
C THR A 42 17.61 -10.04 5.09
N ASP A 43 17.49 -10.20 3.76
CA ASP A 43 18.64 -10.18 2.87
C ASP A 43 18.43 -9.06 1.85
N ALA A 44 19.33 -8.08 1.87
CA ALA A 44 19.13 -6.91 1.00
C ALA A 44 19.29 -7.26 -0.47
N GLN A 45 20.24 -8.16 -0.81
CA GLN A 45 20.48 -8.46 -2.21
C GLN A 45 19.35 -9.31 -2.81
N ALA A 46 18.66 -10.14 -2.01
CA ALA A 46 17.51 -10.85 -2.52
C ALA A 46 16.33 -9.92 -2.75
N LEU A 47 16.18 -8.88 -1.91
CA LEU A 47 15.14 -7.88 -2.15
C LEU A 47 15.46 -6.99 -3.35
N LEU A 48 16.72 -6.82 -3.69
CA LEU A 48 16.97 -6.02 -4.89
C LEU A 48 16.63 -6.79 -6.15
N MET A 49 16.61 -8.12 -6.10
CA MET A 49 16.16 -8.89 -7.26
CA MET A 49 16.16 -8.88 -7.27
C MET A 49 14.64 -9.00 -7.35
N SER A 50 13.90 -8.80 -6.25
CA SER A 50 12.44 -8.76 -6.26
C SER A 50 11.82 -7.72 -7.21
N ASP A 51 10.72 -8.12 -7.84
CA ASP A 51 9.90 -7.23 -8.62
C ASP A 51 8.70 -6.71 -7.86
N ALA A 52 8.66 -6.87 -6.54
CA ALA A 52 7.54 -6.37 -5.77
C ALA A 52 7.42 -4.84 -5.86
N ASP A 53 6.18 -4.37 -5.82
CA ASP A 53 5.88 -2.94 -5.72
C ASP A 53 6.54 -2.28 -4.51
N VAL A 54 6.59 -2.97 -3.38
CA VAL A 54 7.02 -2.41 -2.10
C VAL A 54 8.02 -3.39 -1.52
N LYS A 55 9.10 -2.88 -0.95
CA LYS A 55 10.14 -3.78 -0.45
C LYS A 55 10.74 -3.25 0.82
N LEU A 56 10.82 -4.12 1.82
CA LEU A 56 11.21 -3.74 3.18
C LEU A 56 12.24 -4.72 3.69
N ASP A 57 13.45 -4.20 3.92
CA ASP A 57 14.58 -4.92 4.49
C ASP A 57 14.58 -4.75 6.00
N VAL A 58 14.47 -5.86 6.75
CA VAL A 58 14.37 -5.79 8.20
C VAL A 58 15.53 -6.52 8.87
N GLY A 59 15.70 -6.25 10.17
CA GLY A 59 16.79 -6.86 10.94
C GLY A 59 18.19 -6.65 10.41
N ARG A 60 18.48 -5.46 9.88
CA ARG A 60 19.83 -5.17 9.40
C ARG A 60 20.86 -5.15 10.52
N ASP A 61 20.47 -4.68 11.71
CA ASP A 61 21.40 -4.68 12.84
C ASP A 61 21.73 -6.11 13.27
N SER A 62 20.73 -6.96 13.38
CA SER A 62 20.87 -8.28 13.97
C SER A 62 21.20 -9.38 12.97
N THR A 63 21.28 -9.09 11.65
CA THR A 63 21.55 -10.15 10.66
C THR A 63 22.54 -9.78 9.57
N ARG A 64 22.99 -8.52 9.47
CA ARG A 64 23.91 -8.03 8.42
C ARG A 64 23.29 -8.07 7.03
N GLY A 65 21.97 -8.22 6.94
CA GLY A 65 21.36 -8.46 5.63
C GLY A 65 21.72 -9.81 5.02
N LEU A 66 21.86 -10.86 5.84
CA LEU A 66 22.22 -12.19 5.34
C LEU A 66 21.30 -13.27 5.91
N GLY A 67 20.07 -12.90 6.28
CA GLY A 67 19.11 -13.87 6.75
C GLY A 67 19.18 -14.11 8.25
N ALA A 68 18.12 -14.74 8.76
CA ALA A 68 17.99 -15.05 10.18
C ALA A 68 18.70 -16.35 10.57
N GLY A 69 19.54 -16.90 9.71
CA GLY A 69 20.26 -18.14 10.03
C GLY A 69 19.36 -19.27 10.50
N ALA A 70 18.19 -19.42 9.89
CA ALA A 70 17.19 -20.42 10.28
C ALA A 70 16.70 -20.23 11.71
N ASP A 71 16.95 -19.06 12.34
CA ASP A 71 16.49 -18.92 13.71
C ASP A 71 15.21 -18.09 13.73
N PRO A 72 14.06 -18.68 14.12
CA PRO A 72 12.79 -17.92 14.09
C PRO A 72 12.72 -16.80 15.07
N GLU A 73 13.34 -16.90 16.25
CA GLU A 73 13.32 -15.76 17.16
C GLU A 73 13.97 -14.55 16.52
N VAL A 74 15.03 -14.77 15.74
CA VAL A 74 15.63 -13.66 15.02
C VAL A 74 14.65 -13.06 14.03
N GLY A 75 13.91 -13.89 13.30
CA GLY A 75 12.96 -13.36 12.36
C GLY A 75 11.79 -12.65 13.03
N ARG A 76 11.39 -13.14 14.20
CA ARG A 76 10.29 -12.51 14.92
C ARG A 76 10.71 -11.14 15.43
N LYS A 77 11.89 -11.03 16.02
CA LYS A 77 12.34 -9.76 16.56
C LYS A 77 12.56 -8.72 15.45
N ALA A 78 13.12 -9.15 14.31
CA ALA A 78 13.31 -8.26 13.18
C ALA A 78 11.99 -7.68 12.67
N ALA A 79 10.93 -8.51 12.60
CA ALA A 79 9.67 -7.96 12.13
C ALA A 79 9.06 -7.07 13.18
N GLU A 80 9.09 -7.50 14.45
CA GLU A 80 8.53 -6.69 15.52
C GLU A 80 9.25 -5.34 15.61
N ASP A 81 10.57 -5.34 15.43
CA ASP A 81 11.27 -4.07 15.40
C ASP A 81 10.75 -3.17 14.30
N ALA A 82 10.22 -3.74 13.22
CA ALA A 82 9.74 -2.93 12.12
C ALA A 82 8.22 -2.86 12.08
N LYS A 83 7.53 -3.17 13.19
CA LYS A 83 6.07 -3.27 13.19
C LYS A 83 5.40 -1.96 12.77
N ASP A 84 5.94 -0.81 13.18
CA ASP A 84 5.31 0.45 12.78
C ASP A 84 5.39 0.66 11.27
N GLU A 85 6.56 0.37 10.67
CA GLU A 85 6.72 0.48 9.21
C GLU A 85 5.79 -0.45 8.46
N ILE A 86 5.75 -1.72 8.88
CA ILE A 86 4.88 -2.68 8.23
C ILE A 86 3.43 -2.21 8.30
N GLU A 87 3.00 -1.75 9.48
CA GLU A 87 1.62 -1.28 9.66
C GLU A 87 1.32 -0.12 8.74
N GLU A 88 2.29 0.75 8.54
CA GLU A 88 2.07 1.86 7.64
C GLU A 88 1.98 1.39 6.19
N LEU A 89 2.67 0.31 5.82
CA LEU A 89 2.52 -0.24 4.48
C LEU A 89 1.16 -0.95 4.30
N LEU A 90 0.61 -1.54 5.34
CA LEU A 90 -0.61 -2.30 5.15
C LEU A 90 -1.87 -1.44 5.24
N ARG A 91 -1.79 -0.34 5.98
CA ARG A 91 -2.90 0.59 6.18
C ARG A 91 -3.64 0.86 4.89
N GLY A 92 -4.95 0.66 4.90
CA GLY A 92 -5.78 0.88 3.74
C GLY A 92 -6.27 -0.39 3.08
N ALA A 93 -5.69 -1.55 3.38
CA ALA A 93 -6.06 -2.77 2.67
C ALA A 93 -7.34 -3.37 3.24
N ASP A 94 -8.23 -3.84 2.36
CA ASP A 94 -9.36 -4.63 2.85
C ASP A 94 -8.97 -6.07 3.08
N MET A 95 -7.96 -6.54 2.34
CA MET A 95 -7.51 -7.91 2.37
C MET A 95 -5.98 -7.96 2.34
N VAL A 96 -5.39 -8.67 3.27
CA VAL A 96 -3.96 -8.93 3.22
C VAL A 96 -3.74 -10.43 3.10
N PHE A 97 -2.92 -10.84 2.15
CA PHE A 97 -2.38 -12.19 2.14
C PHE A 97 -0.97 -12.19 2.72
N VAL A 98 -0.65 -13.21 3.51
CA VAL A 98 0.70 -13.36 4.06
C VAL A 98 1.21 -14.71 3.59
N THR A 99 2.27 -14.67 2.79
CA THR A 99 2.77 -15.87 2.16
C THR A 99 4.24 -16.04 2.54
N ALA A 100 4.61 -17.29 2.85
CA ALA A 100 5.94 -17.65 3.30
C ALA A 100 6.18 -19.14 3.14
N GLY A 101 7.45 -19.51 3.00
CA GLY A 101 7.89 -20.88 3.17
C GLY A 101 8.23 -21.05 4.64
N GLU A 102 7.43 -21.86 5.36
CA GLU A 102 7.69 -22.09 6.77
C GLU A 102 8.90 -23.00 6.96
N GLY A 103 9.55 -22.86 8.12
CA GLY A 103 10.70 -23.66 8.48
C GLY A 103 12.03 -22.94 8.57
N GLY A 104 12.16 -21.76 7.97
CA GLY A 104 13.36 -20.96 8.14
C GLY A 104 13.19 -19.99 9.30
N GLY A 105 14.09 -19.02 9.35
CA GLY A 105 13.95 -17.98 10.36
C GLY A 105 13.08 -16.77 10.06
N THR A 106 13.21 -16.18 8.86
CA THR A 106 12.53 -14.92 8.57
C THR A 106 11.03 -15.13 8.37
N GLY A 107 10.65 -16.07 7.50
CA GLY A 107 9.24 -16.36 7.29
C GLY A 107 8.55 -16.92 8.52
N THR A 108 9.17 -17.94 9.13
CA THR A 108 8.56 -18.59 10.31
C THR A 108 8.29 -17.57 11.40
N GLY A 109 9.27 -16.73 11.72
CA GLY A 109 9.16 -15.81 12.81
C GLY A 109 8.33 -14.59 12.47
N GLY A 110 8.53 -14.04 11.26
CA GLY A 110 7.90 -12.80 10.88
C GLY A 110 6.46 -12.88 10.40
N ALA A 111 6.09 -13.97 9.71
CA ALA A 111 4.72 -14.10 9.23
C ALA A 111 3.68 -13.81 10.32
N PRO A 112 3.77 -14.35 11.54
CA PRO A 112 2.73 -14.02 12.52
C PRO A 112 2.65 -12.54 12.84
N VAL A 113 3.76 -11.83 12.82
CA VAL A 113 3.74 -10.40 13.10
C VAL A 113 2.98 -9.64 12.02
N VAL A 114 3.30 -9.92 10.73
CA VAL A 114 2.58 -9.31 9.63
C VAL A 114 1.10 -9.63 9.71
N ALA A 115 0.78 -10.91 9.91
CA ALA A 115 -0.63 -11.28 9.96
C ALA A 115 -1.35 -10.52 11.08
N SER A 116 -0.74 -10.47 12.28
CA SER A 116 -1.39 -9.84 13.42
C SER A 116 -1.61 -8.35 13.19
N ILE A 117 -0.68 -7.69 12.49
CA ILE A 117 -0.90 -6.29 12.11
C ILE A 117 -2.13 -6.17 11.21
N ALA A 118 -2.19 -6.98 10.16
CA ALA A 118 -3.34 -6.95 9.26
C ALA A 118 -4.64 -7.19 10.02
N ARG A 119 -4.61 -8.10 10.97
CA ARG A 119 -5.82 -8.41 11.72
C ARG A 119 -6.16 -7.27 12.69
N LYS A 120 -5.15 -6.65 13.31
CA LYS A 120 -5.43 -5.49 14.14
C LYS A 120 -6.04 -4.35 13.32
N LEU A 121 -5.59 -4.15 12.07
CA LEU A 121 -6.25 -3.20 11.19
C LEU A 121 -7.63 -3.67 10.74
N GLY A 122 -7.99 -4.93 11.01
CA GLY A 122 -9.29 -5.43 10.60
C GLY A 122 -9.40 -5.89 9.17
N ALA A 123 -8.28 -5.92 8.43
CA ALA A 123 -8.27 -6.48 7.08
C ALA A 123 -8.58 -7.96 7.16
N LEU A 124 -9.27 -8.47 6.16
CA LEU A 124 -9.40 -9.91 6.03
C LEU A 124 -8.02 -10.51 5.80
N THR A 125 -7.56 -11.34 6.71
CA THR A 125 -6.17 -11.74 6.75
C THR A 125 -6.04 -13.23 6.41
N VAL A 126 -5.44 -13.53 5.25
CA VAL A 126 -5.33 -14.90 4.75
C VAL A 126 -3.88 -15.33 4.66
N GLY A 127 -3.49 -16.32 5.45
CA GLY A 127 -2.16 -16.90 5.27
C GLY A 127 -2.17 -17.96 4.18
N VAL A 128 -1.10 -17.99 3.39
CA VAL A 128 -0.82 -19.06 2.45
C VAL A 128 0.64 -19.44 2.63
N VAL A 129 0.91 -20.62 3.20
CA VAL A 129 2.26 -21.05 3.52
C VAL A 129 2.46 -22.53 3.21
N THR A 130 3.72 -22.89 3.06
CA THR A 130 4.08 -24.27 2.80
C THR A 130 4.72 -24.89 4.04
N ARG A 131 4.44 -26.18 4.27
CA ARG A 131 5.27 -27.02 5.13
C ARG A 131 6.51 -27.46 4.35
N PRO A 132 7.70 -27.40 4.95
CA PRO A 132 8.91 -27.85 4.24
C PRO A 132 8.85 -29.34 3.92
N PHE A 133 9.63 -29.75 2.91
CA PHE A 133 9.83 -31.16 2.56
C PHE A 133 10.47 -31.94 3.70
N SER A 134 10.10 -33.22 3.83
CA SER A 134 10.69 -34.02 4.90
C SER A 134 12.21 -34.11 4.77
N PHE A 135 12.75 -34.04 3.54
CA PHE A 135 14.18 -34.11 3.35
C PHE A 135 14.94 -32.87 3.81
N GLU A 136 14.27 -31.80 4.24
CA GLU A 136 14.98 -30.62 4.75
C GLU A 136 15.42 -30.81 6.19
N GLY A 137 15.01 -31.90 6.82
CA GLY A 137 15.38 -32.24 8.17
C GLY A 137 14.31 -31.91 9.20
N LYS A 138 14.58 -32.35 10.43
CA LYS A 138 13.55 -32.30 11.47
C LYS A 138 13.46 -30.95 12.18
N ARG A 139 14.52 -30.14 12.18
CA ARG A 139 14.39 -28.82 12.79
C ARG A 139 13.52 -27.92 11.92
N ARG A 140 13.66 -28.01 10.60
CA ARG A 140 12.84 -27.15 9.75
C ARG A 140 11.39 -27.57 9.85
N SER A 141 11.12 -28.87 10.01
CA SER A 141 9.74 -29.31 10.20
CA SER A 141 9.75 -29.30 10.20
C SER A 141 9.21 -28.87 11.56
N ASN A 142 10.03 -28.97 12.61
CA ASN A 142 9.59 -28.52 13.93
C ASN A 142 9.31 -27.04 13.90
N GLN A 143 10.25 -26.26 13.37
CA GLN A 143 10.09 -24.82 13.34
C GLN A 143 8.85 -24.46 12.53
N ALA A 144 8.61 -25.17 11.43
CA ALA A 144 7.44 -24.83 10.64
C ALA A 144 6.17 -25.13 11.41
N GLU A 145 6.19 -26.21 12.20
CA GLU A 145 5.06 -26.57 13.04
C GLU A 145 4.72 -25.44 14.01
N ASN A 146 5.73 -24.92 14.71
CA ASN A 146 5.48 -23.80 15.61
C ASN A 146 5.04 -22.56 14.85
N GLY A 147 5.70 -22.26 13.72
CA GLY A 147 5.33 -21.10 12.96
C GLY A 147 3.89 -21.17 12.46
N ILE A 148 3.46 -22.36 12.06
CA ILE A 148 2.08 -22.51 11.57
C ILE A 148 1.09 -22.27 12.70
N ALA A 149 1.40 -22.80 13.89
CA ALA A 149 0.53 -22.61 15.04
C ALA A 149 0.45 -21.13 15.45
N ALA A 150 1.58 -20.42 15.43
CA ALA A 150 1.58 -18.98 15.70
C ALA A 150 0.80 -18.22 14.65
N LEU A 151 1.01 -18.55 13.38
CA LEU A 151 0.35 -17.89 12.27
C LEU A 151 -1.15 -18.10 12.33
N ARG A 152 -1.56 -19.31 12.71
CA ARG A 152 -2.98 -19.63 12.71
C ARG A 152 -3.73 -18.79 13.73
N GLU A 153 -3.06 -18.29 14.78
CA GLU A 153 -3.70 -17.43 15.78
C GLU A 153 -4.05 -16.06 15.21
N SER A 154 -3.39 -15.63 14.13
CA SER A 154 -3.55 -14.27 13.66
C SER A 154 -4.18 -14.20 12.28
N CYS A 155 -4.58 -15.31 11.70
CA CYS A 155 -5.16 -15.31 10.37
C CYS A 155 -6.65 -15.60 10.49
N ASP A 156 -7.46 -14.94 9.66
CA ASP A 156 -8.83 -15.42 9.46
C ASP A 156 -8.84 -16.82 8.88
N THR A 157 -8.08 -17.03 7.81
CA THR A 157 -7.90 -18.36 7.20
C THR A 157 -6.41 -18.58 7.01
N LEU A 158 -5.91 -19.73 7.45
CA LEU A 158 -4.51 -20.07 7.19
C LEU A 158 -4.48 -21.31 6.32
N ILE A 159 -4.12 -21.11 5.05
CA ILE A 159 -3.98 -22.21 4.08
C ILE A 159 -2.58 -22.82 4.23
N VAL A 160 -2.54 -24.10 4.56
CA VAL A 160 -1.30 -24.86 4.71
C VAL A 160 -1.18 -25.84 3.56
N ILE A 161 -0.10 -25.72 2.80
CA ILE A 161 0.25 -26.51 1.64
C ILE A 161 1.41 -27.43 2.04
N PRO A 162 1.23 -28.73 2.04
CA PRO A 162 2.31 -29.65 2.44
C PRO A 162 3.22 -29.95 1.25
N ASN A 163 4.48 -29.48 1.32
CA ASN A 163 5.36 -29.65 0.16
C ASN A 163 5.56 -31.11 -0.20
N ASP A 164 5.53 -32.00 0.79
CA ASP A 164 5.64 -33.42 0.50
C ASP A 164 4.67 -33.88 -0.59
N ARG A 165 3.42 -33.41 -0.55
CA ARG A 165 2.41 -33.80 -1.52
C ARG A 165 2.67 -33.25 -2.91
N LEU A 166 3.42 -32.15 -3.01
CA LEU A 166 3.82 -31.64 -4.31
C LEU A 166 4.55 -32.68 -5.12
N LEU A 167 5.33 -33.54 -4.45
CA LEU A 167 6.10 -34.52 -5.19
C LEU A 167 5.23 -35.63 -5.77
N GLN A 168 3.97 -35.77 -5.34
CA GLN A 168 3.07 -36.72 -5.97
C GLN A 168 2.43 -36.20 -7.24
N MET A 169 2.65 -34.93 -7.57
CA MET A 169 1.96 -34.28 -8.68
C MET A 169 2.95 -33.94 -9.78
N GLY A 170 2.46 -33.92 -11.01
CA GLY A 170 3.34 -33.50 -12.09
C GLY A 170 4.47 -34.50 -12.33
N ASP A 171 5.62 -33.94 -12.75
CA ASP A 171 6.66 -34.72 -13.38
C ASP A 171 7.61 -35.33 -12.36
N ALA A 172 7.89 -36.62 -12.51
CA ALA A 172 8.72 -37.39 -11.59
C ALA A 172 10.17 -37.52 -12.08
N VAL A 174 11.50 -33.72 -10.24
CA VAL A 174 12.90 -33.87 -10.63
C VAL A 174 13.60 -32.54 -10.48
N SER A 175 14.75 -32.51 -9.82
CA SER A 175 15.53 -31.33 -9.43
C SER A 175 15.01 -30.64 -8.17
N LEU A 176 15.93 -30.13 -7.36
CA LEU A 176 15.55 -29.42 -6.15
C LEU A 176 14.98 -28.06 -6.48
N MET A 177 15.64 -27.34 -7.39
CA MET A 177 15.12 -26.07 -7.86
C MET A 177 13.74 -26.25 -8.48
N ASP A 178 13.55 -27.34 -9.22
CA ASP A 178 12.24 -27.58 -9.82
C ASP A 178 11.17 -27.74 -8.76
N ALA A 179 11.48 -28.43 -7.66
CA ALA A 179 10.46 -28.63 -6.66
C ALA A 179 10.05 -27.31 -6.01
N PHE A 180 11.02 -26.41 -5.79
CA PHE A 180 10.71 -25.13 -5.17
C PHE A 180 9.97 -24.23 -6.13
N ARG A 181 10.26 -24.35 -7.41
CA ARG A 181 9.45 -23.65 -8.39
C ARG A 181 8.02 -24.14 -8.31
N SER A 182 7.83 -25.43 -8.06
CA SER A 182 6.50 -25.98 -7.87
C SER A 182 5.83 -25.37 -6.65
N ALA A 183 6.59 -25.21 -5.57
CA ALA A 183 6.09 -24.50 -4.40
C ALA A 183 5.70 -23.07 -4.75
N ASP A 184 6.57 -22.36 -5.50
CA ASP A 184 6.20 -21.02 -5.92
C ASP A 184 4.85 -21.03 -6.64
N GLU A 185 4.66 -21.99 -7.53
CA GLU A 185 3.44 -22.02 -8.34
C GLU A 185 2.20 -22.29 -7.52
N VAL A 186 2.29 -23.20 -6.56
CA VAL A 186 1.08 -23.54 -5.82
CA VAL A 186 1.11 -23.56 -5.78
C VAL A 186 0.71 -22.42 -4.86
N LEU A 187 1.70 -21.64 -4.39
CA LEU A 187 1.43 -20.46 -3.57
C LEU A 187 0.67 -19.42 -4.38
N LEU A 188 1.16 -19.14 -5.59
CA LEU A 188 0.40 -18.32 -6.54
C LEU A 188 -1.00 -18.88 -6.77
N ASN A 189 -1.14 -20.20 -6.95
CA ASN A 189 -2.46 -20.77 -7.21
C ASN A 189 -3.40 -20.49 -6.05
N GLY A 190 -2.89 -20.55 -4.82
CA GLY A 190 -3.74 -20.27 -3.68
C GLY A 190 -4.15 -18.80 -3.55
N VAL A 191 -3.24 -17.90 -3.92
CA VAL A 191 -3.56 -16.47 -3.86
C VAL A 191 -4.53 -16.12 -4.99
N GLN A 192 -4.15 -16.45 -6.24
CA GLN A 192 -4.92 -16.13 -7.43
C GLN A 192 -6.31 -16.77 -7.41
N GLY A 193 -6.39 -18.01 -6.97
CA GLY A 193 -7.66 -18.69 -6.94
C GLY A 193 -8.68 -17.91 -6.16
N ILE A 194 -8.25 -17.19 -5.14
CA ILE A 194 -9.12 -16.33 -4.37
C ILE A 194 -9.20 -14.92 -4.95
N THR A 195 -8.06 -14.26 -5.18
CA THR A 195 -8.12 -12.83 -5.52
C THR A 195 -8.82 -12.61 -6.85
N ASP A 196 -8.71 -13.57 -7.78
CA ASP A 196 -9.30 -13.38 -9.11
C ASP A 196 -10.83 -13.33 -9.04
N LEU A 197 -11.46 -14.03 -8.10
CA LEU A 197 -12.92 -13.90 -7.94
C LEU A 197 -13.32 -12.44 -7.73
N ILE A 198 -12.52 -11.72 -6.94
CA ILE A 198 -12.78 -10.33 -6.62
C ILE A 198 -12.37 -9.40 -7.77
N THR A 199 -11.18 -9.61 -8.35
CA THR A 199 -10.64 -8.60 -9.27
C THR A 199 -11.09 -8.80 -10.70
N THR A 200 -11.46 -10.01 -11.10
CA THR A 200 -11.78 -10.28 -12.51
C THR A 200 -12.90 -11.31 -12.62
N PRO A 201 -14.07 -11.03 -12.02
CA PRO A 201 -15.14 -12.04 -11.96
C PRO A 201 -15.68 -12.38 -13.33
N GLY A 202 -16.16 -13.62 -13.47
CA GLY A 202 -16.93 -14.07 -14.62
C GLY A 202 -18.44 -13.97 -14.42
N LEU A 203 -19.16 -14.95 -15.00
CA LEU A 203 -20.62 -15.08 -14.90
C LEU A 203 -21.12 -15.17 -13.47
N ILE A 204 -20.52 -16.02 -12.65
CA ILE A 204 -20.96 -16.15 -11.27
C ILE A 204 -20.01 -15.31 -10.44
N ASN A 205 -20.50 -14.15 -10.03
CA ASN A 205 -19.70 -13.13 -9.40
C ASN A 205 -19.74 -13.32 -7.89
N VAL A 206 -18.56 -13.49 -7.29
CA VAL A 206 -18.41 -13.73 -5.87
C VAL A 206 -17.55 -12.57 -5.41
N ASP A 207 -18.17 -11.61 -4.73
CA ASP A 207 -17.42 -10.40 -4.43
C ASP A 207 -16.72 -10.48 -3.08
N PHE A 208 -16.00 -9.38 -2.78
CA PHE A 208 -15.25 -9.28 -1.54
C PHE A 208 -16.11 -9.61 -0.33
N ALA A 209 -17.35 -9.11 -0.31
CA ALA A 209 -18.19 -9.38 0.85
C ALA A 209 -18.47 -10.88 1.02
N ASP A 210 -18.74 -11.57 -0.09
CA ASP A 210 -18.95 -13.01 0.00
C ASP A 210 -17.70 -13.71 0.51
N VAL A 211 -16.53 -13.38 -0.06
CA VAL A 211 -15.28 -14.04 0.35
C VAL A 211 -15.03 -13.81 1.83
N LYS A 212 -15.27 -12.58 2.28
CA LYS A 212 -15.16 -12.22 3.68
C LYS A 212 -16.13 -13.02 4.54
N GLY A 213 -17.33 -13.30 4.04
CA GLY A 213 -18.28 -14.04 4.86
C GLY A 213 -17.82 -15.47 5.10
N ILE A 214 -17.32 -16.14 4.05
CA ILE A 214 -16.91 -17.53 4.23
C ILE A 214 -15.52 -17.66 4.86
N MET A 215 -14.60 -16.70 4.64
CA MET A 215 -13.22 -16.86 5.13
C MET A 215 -12.97 -16.28 6.51
N SER A 216 -13.80 -15.36 6.98
CA SER A 216 -13.58 -14.74 8.28
C SER A 216 -13.65 -15.78 9.40
N GLY A 217 -12.70 -15.68 10.32
CA GLY A 217 -12.60 -16.64 11.43
C GLY A 217 -12.62 -18.12 11.10
N ALA A 218 -12.37 -18.52 9.83
CA ALA A 218 -12.53 -19.92 9.41
C ALA A 218 -11.44 -20.86 9.90
N GLY A 219 -10.28 -20.36 10.30
CA GLY A 219 -9.23 -21.26 10.79
C GLY A 219 -8.32 -21.91 9.76
N THR A 220 -7.84 -23.12 10.05
CA THR A 220 -6.92 -23.85 9.20
CA THR A 220 -6.91 -23.80 9.18
C THR A 220 -7.64 -24.35 7.96
N ALA A 221 -6.92 -24.40 6.83
CA ALA A 221 -7.54 -24.76 5.58
C ALA A 221 -6.52 -25.46 4.68
N LEU A 222 -7.03 -26.23 3.73
CA LEU A 222 -6.24 -26.84 2.69
C LEU A 222 -6.77 -26.43 1.33
N MET A 223 -5.94 -26.62 0.31
CA MET A 223 -6.32 -26.28 -1.05
C MET A 223 -6.07 -27.44 -2.01
N GLY A 224 -6.84 -27.44 -3.09
CA GLY A 224 -6.61 -28.35 -4.19
C GLY A 224 -6.71 -27.57 -5.47
N ILE A 225 -5.97 -28.00 -6.48
CA ILE A 225 -5.94 -27.30 -7.75
C ILE A 225 -6.07 -28.32 -8.89
N GLY A 226 -6.71 -27.93 -9.98
CA GLY A 226 -6.87 -28.83 -11.10
C GLY A 226 -7.17 -28.04 -12.34
N SER A 227 -6.69 -28.54 -13.49
CA SER A 227 -6.93 -27.88 -14.76
C SER A 227 -7.07 -28.95 -15.84
N ALA A 228 -7.69 -28.54 -16.94
CA ALA A 228 -7.91 -29.41 -18.08
C ALA A 228 -8.25 -28.57 -19.30
N ARG A 229 -8.06 -29.19 -20.48
CA ARG A 229 -8.57 -28.65 -21.72
C ARG A 229 -9.41 -29.68 -22.43
N GLY A 230 -10.12 -29.19 -23.45
CA GLY A 230 -10.86 -30.04 -24.36
C GLY A 230 -12.19 -30.49 -23.79
N GLU A 231 -12.66 -31.63 -24.30
CA GLU A 231 -13.99 -32.08 -23.94
C GLU A 231 -14.04 -32.42 -22.46
N GLY A 232 -15.08 -31.95 -21.78
CA GLY A 232 -15.27 -32.27 -20.38
C GLY A 232 -14.21 -31.70 -19.46
N ARG A 233 -13.58 -30.60 -19.88
CA ARG A 233 -12.55 -29.95 -19.10
C ARG A 233 -13.05 -29.58 -17.71
N SER A 234 -14.20 -28.92 -17.61
CA SER A 234 -14.62 -28.40 -16.32
C SER A 234 -14.91 -29.53 -15.34
N LEU A 235 -15.45 -30.65 -15.84
CA LEU A 235 -15.61 -31.82 -14.99
C LEU A 235 -14.26 -32.40 -14.59
N LYS A 236 -13.33 -32.48 -15.55
CA LYS A 236 -12.00 -33.03 -15.26
C LYS A 236 -11.27 -32.18 -14.22
N ALA A 237 -11.14 -30.88 -14.49
CA ALA A 237 -10.42 -29.99 -13.59
C ALA A 237 -11.02 -30.02 -12.20
N ALA A 238 -12.35 -30.12 -12.11
CA ALA A 238 -12.98 -30.14 -10.78
C ALA A 238 -12.61 -31.39 -10.03
N GLU A 239 -12.56 -32.53 -10.73
CA GLU A 239 -12.25 -33.79 -10.07
C GLU A 239 -10.77 -33.90 -9.68
N ILE A 240 -9.88 -33.39 -10.51
CA ILE A 240 -8.49 -33.34 -10.09
C ILE A 240 -8.35 -32.47 -8.85
N ALA A 241 -9.03 -31.32 -8.83
CA ALA A 241 -8.91 -30.40 -7.70
C ALA A 241 -9.43 -31.00 -6.39
N ILE A 242 -10.65 -31.58 -6.42
CA ILE A 242 -11.17 -32.13 -5.16
C ILE A 242 -10.42 -33.38 -4.71
N ASN A 243 -9.66 -34.01 -5.61
CA ASN A 243 -8.82 -35.16 -5.32
C ASN A 243 -7.34 -34.79 -5.17
N SER A 244 -7.03 -33.50 -5.15
CA SER A 244 -5.66 -33.10 -5.13
C SER A 244 -4.99 -33.67 -3.90
N PRO A 245 -3.75 -34.17 -4.02
CA PRO A 245 -3.05 -34.63 -2.82
C PRO A 245 -2.86 -33.51 -1.79
N LEU A 246 -2.83 -32.23 -2.20
CA LEU A 246 -2.71 -31.12 -1.26
C LEU A 246 -3.90 -31.04 -0.31
N LEU A 247 -5.04 -31.62 -0.67
CA LEU A 247 -6.21 -31.67 0.18
C LEU A 247 -6.16 -32.78 1.20
N GLU A 248 -5.12 -33.61 1.14
CA GLU A 248 -4.83 -34.64 2.15
C GLU A 248 -6.04 -35.52 2.43
N ALA A 249 -6.81 -35.81 1.36
CA ALA A 249 -8.01 -36.67 1.40
C ALA A 249 -9.04 -36.21 2.40
N SER A 250 -9.04 -34.93 2.77
CA SER A 250 -9.95 -34.41 3.79
C SER A 250 -10.99 -33.49 3.20
N MET A 251 -11.13 -33.50 1.87
CA MET A 251 -12.10 -32.60 1.27
C MET A 251 -13.46 -32.91 1.81
N GLU A 252 -13.66 -34.17 2.24
CA GLU A 252 -14.96 -34.69 1.94
C GLU A 252 -15.69 -34.45 3.25
N GLY A 253 -14.91 -34.20 4.32
CA GLY A 253 -15.22 -33.77 5.67
C GLY A 253 -15.16 -32.24 5.90
N ALA A 254 -14.80 -31.45 4.88
CA ALA A 254 -14.75 -29.99 5.04
C ALA A 254 -16.15 -29.40 4.99
N GLN A 255 -16.45 -28.51 5.94
CA GLN A 255 -17.78 -27.90 6.03
C GLN A 255 -17.87 -26.48 5.48
N GLY A 256 -16.73 -25.82 5.24
CA GLY A 256 -16.69 -24.62 4.43
C GLY A 256 -15.81 -24.85 3.23
N VAL A 257 -16.31 -24.53 2.04
CA VAL A 257 -15.58 -24.76 0.80
C VAL A 257 -15.77 -23.54 -0.07
N LEU A 258 -14.68 -23.00 -0.60
CA LEU A 258 -14.68 -21.93 -1.59
C LEU A 258 -14.07 -22.48 -2.87
N MET A 259 -14.75 -22.30 -3.98
CA MET A 259 -14.28 -22.87 -5.24
C MET A 259 -14.41 -21.85 -6.35
N SER A 260 -13.35 -21.71 -7.14
CA SER A 260 -13.32 -20.82 -8.31
C SER A 260 -12.93 -21.61 -9.54
N ILE A 261 -13.62 -21.31 -10.64
CA ILE A 261 -13.42 -21.91 -11.95
C ILE A 261 -13.03 -20.75 -12.84
N ALA A 262 -11.81 -20.81 -13.36
CA ALA A 262 -11.31 -19.77 -14.24
C ALA A 262 -11.31 -20.32 -15.65
N GLY A 263 -11.70 -19.47 -16.59
CA GLY A 263 -11.71 -19.91 -17.97
C GLY A 263 -11.84 -18.68 -18.83
N GLY A 264 -11.78 -18.91 -20.12
CA GLY A 264 -11.97 -17.86 -21.10
C GLY A 264 -13.43 -17.49 -21.23
N SER A 265 -13.69 -16.44 -22.00
CA SER A 265 -15.07 -16.01 -22.10
C SER A 265 -15.94 -16.97 -22.91
N ASP A 266 -15.39 -18.03 -23.48
CA ASP A 266 -16.21 -19.06 -24.09
C ASP A 266 -16.69 -20.11 -23.07
N LEU A 267 -16.47 -19.88 -21.78
CA LEU A 267 -16.84 -20.84 -20.73
C LEU A 267 -18.31 -20.66 -20.39
N GLY A 268 -19.10 -21.69 -20.66
CA GLY A 268 -20.53 -21.60 -20.53
C GLY A 268 -21.01 -21.92 -19.13
N LEU A 269 -22.16 -21.34 -18.80
CA LEU A 269 -22.83 -21.63 -17.54
C LEU A 269 -23.05 -23.12 -17.37
N PHE A 270 -23.36 -23.81 -18.47
CA PHE A 270 -23.60 -25.24 -18.39
C PHE A 270 -22.36 -25.97 -17.90
N GLU A 271 -21.22 -25.69 -18.55
CA GLU A 271 -19.93 -26.22 -18.13
C GLU A 271 -19.68 -25.93 -16.66
N ILE A 272 -19.86 -24.65 -16.27
CA ILE A 272 -19.61 -24.25 -14.89
C ILE A 272 -20.44 -25.07 -13.93
N ASN A 273 -21.73 -25.18 -14.25
CA ASN A 273 -22.71 -25.82 -13.39
C ASN A 273 -22.43 -27.32 -13.24
N GLU A 274 -22.03 -27.97 -14.34
CA GLU A 274 -21.71 -29.39 -14.26
C GLU A 274 -20.53 -29.64 -13.33
N ALA A 275 -19.53 -28.77 -13.38
CA ALA A 275 -18.45 -28.94 -12.41
C ALA A 275 -18.97 -28.74 -10.99
N ALA A 276 -19.85 -27.74 -10.77
CA ALA A 276 -20.40 -27.48 -9.45
C ALA A 276 -21.21 -28.66 -8.94
N SER A 277 -21.94 -29.31 -9.82
CA SER A 277 -22.71 -30.48 -9.40
C SER A 277 -21.78 -31.56 -8.90
N LEU A 278 -20.69 -31.81 -9.65
CA LEU A 278 -19.72 -32.82 -9.27
C LEU A 278 -19.13 -32.51 -7.90
N VAL A 279 -18.77 -31.26 -7.66
CA VAL A 279 -18.13 -30.94 -6.40
C VAL A 279 -19.11 -31.09 -5.24
N GLN A 280 -20.34 -30.65 -5.40
CA GLN A 280 -21.19 -30.72 -4.23
C GLN A 280 -21.67 -32.14 -3.97
N ASP A 281 -21.78 -32.97 -5.01
CA ASP A 281 -22.01 -34.41 -4.79
C ASP A 281 -20.91 -35.04 -3.91
N ALA A 282 -19.63 -34.71 -4.16
CA ALA A 282 -18.48 -35.19 -3.40
C ALA A 282 -18.30 -34.55 -2.03
N ALA A 283 -18.97 -33.43 -1.73
CA ALA A 283 -18.74 -32.62 -0.54
C ALA A 283 -19.43 -33.20 0.70
N HIS A 284 -19.03 -32.67 1.85
CA HIS A 284 -19.73 -32.91 3.12
C HIS A 284 -21.23 -32.63 2.97
N PRO A 285 -22.11 -33.48 3.54
CA PRO A 285 -23.57 -33.23 3.42
C PRO A 285 -24.00 -31.86 3.88
N ASP A 286 -23.46 -31.35 4.98
CA ASP A 286 -23.82 -30.05 5.54
C ASP A 286 -22.88 -28.93 5.12
N ALA A 287 -22.12 -29.10 4.04
CA ALA A 287 -21.07 -28.12 3.76
C ALA A 287 -21.66 -26.83 3.21
N ASN A 288 -21.13 -25.70 3.68
CA ASN A 288 -21.31 -24.44 2.97
C ASN A 288 -20.32 -24.38 1.80
N ILE A 289 -20.83 -24.35 0.57
CA ILE A 289 -19.99 -24.29 -0.63
C ILE A 289 -20.36 -23.05 -1.42
N ILE A 290 -19.37 -22.22 -1.72
CA ILE A 290 -19.51 -21.04 -2.56
C ILE A 290 -18.76 -21.26 -3.87
N PHE A 291 -19.47 -21.12 -4.99
CA PHE A 291 -18.92 -21.25 -6.32
C PHE A 291 -18.88 -19.88 -6.97
N GLY A 292 -17.69 -19.50 -7.49
CA GLY A 292 -17.59 -18.32 -8.33
C GLY A 292 -16.73 -18.64 -9.53
N THR A 293 -16.77 -17.75 -10.50
CA THR A 293 -16.02 -17.93 -11.73
C THR A 293 -15.14 -16.72 -12.00
N VAL A 294 -14.16 -16.92 -12.85
CA VAL A 294 -13.12 -15.96 -13.16
C VAL A 294 -13.00 -15.86 -14.67
N ILE A 295 -13.18 -14.65 -15.21
CA ILE A 295 -12.92 -14.48 -16.65
C ILE A 295 -11.41 -14.27 -16.81
N ASP A 296 -10.76 -15.19 -17.53
CA ASP A 296 -9.32 -15.10 -17.82
C ASP A 296 -9.11 -15.50 -19.28
N ASP A 297 -9.05 -14.50 -20.17
CA ASP A 297 -9.00 -14.77 -21.60
C ASP A 297 -7.67 -15.36 -22.04
N SER A 298 -6.64 -15.25 -21.21
CA SER A 298 -5.34 -15.85 -21.44
C SER A 298 -5.32 -17.38 -21.42
N LEU A 299 -6.39 -18.05 -20.99
CA LEU A 299 -6.24 -19.49 -20.74
C LEU A 299 -6.51 -20.33 -21.97
N GLY A 300 -7.00 -19.73 -23.06
CA GLY A 300 -7.28 -20.51 -24.25
C GLY A 300 -8.48 -21.43 -24.06
N ASP A 301 -8.27 -22.71 -24.37
CA ASP A 301 -9.25 -23.76 -24.12
C ASP A 301 -9.05 -24.42 -22.75
N GLU A 302 -8.23 -23.83 -21.89
CA GLU A 302 -8.01 -24.37 -20.55
C GLU A 302 -9.03 -23.85 -19.53
N VAL A 303 -9.33 -24.69 -18.56
CA VAL A 303 -10.17 -24.33 -17.43
C VAL A 303 -9.42 -24.75 -16.18
N ARG A 304 -9.47 -23.92 -15.15
CA ARG A 304 -8.65 -24.05 -13.95
C ARG A 304 -9.56 -23.94 -12.73
N VAL A 305 -9.65 -25.01 -11.95
CA VAL A 305 -10.46 -25.05 -10.75
C VAL A 305 -9.54 -25.04 -9.55
N THR A 306 -9.83 -24.15 -8.60
CA THR A 306 -9.15 -24.04 -7.32
C THR A 306 -10.17 -24.25 -6.20
N VAL A 307 -9.78 -24.98 -5.16
CA VAL A 307 -10.68 -25.35 -4.07
C VAL A 307 -10.02 -25.04 -2.74
N ILE A 308 -10.73 -24.30 -1.88
CA ILE A 308 -10.26 -23.97 -0.53
C ILE A 308 -11.20 -24.65 0.46
N ALA A 309 -10.64 -25.53 1.30
CA ALA A 309 -11.45 -26.32 2.24
C ALA A 309 -11.04 -25.99 3.66
N ALA A 310 -11.99 -25.50 4.46
CA ALA A 310 -11.82 -25.23 5.88
C ALA A 310 -12.94 -25.89 6.68
N GLY A 311 -12.78 -25.86 8.01
CA GLY A 311 -13.81 -26.32 8.91
C GLY A 311 -13.97 -27.84 8.88
N PHE A 312 -12.97 -28.57 9.34
CA PHE A 312 -13.03 -30.04 9.27
C PHE A 312 -13.62 -30.67 10.54
N TYR B 7 17.04 28.33 -14.46
CA TYR B 7 16.12 29.46 -14.34
C TYR B 7 14.67 29.11 -13.86
N LEU B 8 14.03 28.07 -14.44
CA LEU B 8 12.77 27.53 -13.89
C LEU B 8 13.01 26.91 -12.51
N ALA B 9 11.96 26.89 -11.68
CA ALA B 9 12.09 26.41 -10.32
C ALA B 9 12.60 24.97 -10.24
N VAL B 10 13.56 24.74 -9.35
CA VAL B 10 14.05 23.41 -9.07
C VAL B 10 13.35 22.99 -7.79
N ILE B 11 12.47 22.00 -7.89
CA ILE B 11 11.72 21.51 -6.75
C ILE B 11 12.23 20.12 -6.38
N LYS B 12 12.64 19.96 -5.12
CA LYS B 12 13.05 18.69 -4.55
C LYS B 12 12.05 18.29 -3.47
N VAL B 13 11.61 17.03 -3.50
CA VAL B 13 10.62 16.50 -2.57
C VAL B 13 11.29 15.41 -1.75
N VAL B 14 11.33 15.59 -0.42
CA VAL B 14 12.09 14.71 0.47
C VAL B 14 11.13 13.93 1.35
N GLY B 15 11.12 12.63 1.19
CA GLY B 15 10.46 11.72 2.12
C GLY B 15 11.52 11.08 3.04
N ILE B 16 11.32 11.26 4.31
CA ILE B 16 12.30 10.80 5.30
C ILE B 16 11.57 9.93 6.33
N GLY B 17 12.18 8.80 6.67
CA GLY B 17 11.52 7.82 7.50
C GLY B 17 10.59 6.93 6.70
N GLY B 18 10.13 5.87 7.35
CA GLY B 18 9.31 4.91 6.66
C GLY B 18 8.10 5.55 6.03
N GLY B 19 7.37 6.34 6.81
CA GLY B 19 6.20 7.02 6.27
C GLY B 19 6.55 7.99 5.15
N GLY B 20 7.71 8.68 5.25
CA GLY B 20 8.07 9.64 4.22
C GLY B 20 8.50 9.00 2.92
N VAL B 21 9.34 7.97 2.99
CA VAL B 21 9.79 7.30 1.76
C VAL B 21 8.60 6.61 1.08
N ASN B 22 7.70 6.07 1.88
CA ASN B 22 6.51 5.45 1.31
C ASN B 22 5.62 6.47 0.59
N ALA B 23 5.38 7.63 1.21
CA ALA B 23 4.63 8.69 0.54
C ALA B 23 5.30 9.09 -0.77
N VAL B 24 6.62 9.21 -0.77
CA VAL B 24 7.35 9.54 -1.98
C VAL B 24 7.19 8.43 -3.01
N ASN B 25 7.22 7.16 -2.56
CA ASN B 25 7.00 6.06 -3.51
C ASN B 25 5.60 6.13 -4.13
N ARG B 26 4.61 6.55 -3.34
CA ARG B 26 3.27 6.71 -3.91
C ARG B 26 3.23 7.83 -4.92
N MET B 27 3.91 8.95 -4.63
CA MET B 27 4.00 10.03 -5.61
C MET B 27 4.62 9.55 -6.92
N ILE B 28 5.67 8.73 -6.83
CA ILE B 28 6.30 8.21 -8.03
C ILE B 28 5.33 7.31 -8.79
N GLU B 29 4.72 6.34 -8.10
CA GLU B 29 3.77 5.45 -8.78
C GLU B 29 2.60 6.24 -9.35
N GLN B 30 2.18 7.35 -8.75
CA GLN B 30 1.08 8.08 -9.38
C GLN B 30 1.55 9.09 -10.42
N GLY B 31 2.83 9.09 -10.79
CA GLY B 31 3.24 9.95 -11.89
C GLY B 31 3.39 11.43 -11.59
N LEU B 32 3.55 11.82 -10.33
CA LEU B 32 3.86 13.21 -10.05
C LEU B 32 5.11 13.60 -10.84
N LYS B 33 4.99 14.63 -11.67
CA LYS B 33 6.07 15.02 -12.57
C LYS B 33 6.65 16.37 -12.16
N GLY B 34 7.77 16.69 -12.79
CA GLY B 34 8.37 17.99 -12.60
C GLY B 34 9.15 18.20 -11.33
N VAL B 35 9.46 17.15 -10.56
CA VAL B 35 10.19 17.33 -9.30
C VAL B 35 11.27 16.27 -9.19
N GLU B 36 12.26 16.53 -8.33
CA GLU B 36 13.25 15.54 -7.97
C GLU B 36 12.83 14.86 -6.67
N PHE B 37 12.81 13.54 -6.68
CA PHE B 37 12.42 12.76 -5.51
C PHE B 37 13.67 12.32 -4.75
N ILE B 38 13.62 12.48 -3.43
CA ILE B 38 14.71 12.14 -2.52
C ILE B 38 14.14 11.30 -1.37
N ALA B 39 14.70 10.11 -1.17
CA ALA B 39 14.31 9.20 -0.11
C ALA B 39 15.42 9.15 0.93
N ILE B 40 15.08 9.44 2.19
CA ILE B 40 16.08 9.39 3.25
C ILE B 40 15.61 8.40 4.31
N ASN B 41 16.42 7.38 4.56
CA ASN B 41 16.10 6.34 5.53
C ASN B 41 16.81 6.69 6.83
N THR B 42 16.08 6.67 7.92
CA THR B 42 16.61 7.08 9.21
C THR B 42 16.72 5.97 10.24
N ASP B 43 16.36 4.72 9.92
CA ASP B 43 16.39 3.62 10.88
C ASP B 43 17.55 2.68 10.58
N ALA B 44 18.27 2.31 11.63
CA ALA B 44 19.36 1.38 11.44
C ALA B 44 18.84 -0.02 11.13
N GLN B 45 17.78 -0.44 11.84
CA GLN B 45 17.23 -1.80 11.83
C GLN B 45 16.44 -2.16 10.57
N ALA B 46 15.93 -1.19 9.83
CA ALA B 46 15.18 -1.49 8.60
C ALA B 46 15.41 -0.45 7.51
N LEU B 47 15.09 -0.84 6.27
CA LEU B 47 15.14 0.05 5.12
C LEU B 47 13.95 -0.24 4.21
N LEU B 48 13.17 0.81 3.91
CA LEU B 48 12.12 0.79 2.90
C LEU B 48 12.72 1.22 1.58
N MET B 49 12.62 0.37 0.58
CA MET B 49 13.35 0.69 -0.64
C MET B 49 12.52 1.66 -1.46
N SER B 50 13.13 2.21 -2.49
CA SER B 50 12.52 3.34 -3.16
C SER B 50 13.09 3.49 -4.56
N ASP B 51 12.24 3.93 -5.47
CA ASP B 51 12.67 4.31 -6.80
C ASP B 51 12.97 5.79 -6.89
N ALA B 52 13.15 6.47 -5.77
CA ALA B 52 13.47 7.88 -5.86
C ALA B 52 14.77 8.03 -6.62
N ASP B 53 14.85 9.12 -7.38
CA ASP B 53 16.06 9.52 -8.10
C ASP B 53 17.29 9.50 -7.18
N VAL B 54 17.15 10.00 -5.96
CA VAL B 54 18.25 10.15 -5.03
C VAL B 54 17.82 9.53 -3.71
N LYS B 55 18.73 8.77 -3.08
CA LYS B 55 18.44 8.02 -1.87
C LYS B 55 19.64 8.09 -0.94
N LEU B 56 19.36 8.30 0.34
CA LEU B 56 20.42 8.44 1.33
C LEU B 56 20.02 7.65 2.57
N ASP B 57 20.80 6.65 2.92
CA ASP B 57 20.56 5.92 4.15
C ASP B 57 21.40 6.51 5.27
N VAL B 58 20.76 7.01 6.32
CA VAL B 58 21.47 7.63 7.42
C VAL B 58 21.36 6.83 8.70
N GLY B 59 20.61 5.73 8.69
CA GLY B 59 20.53 4.89 9.89
C GLY B 59 21.88 4.28 10.20
N ARG B 60 22.43 4.61 11.39
CA ARG B 60 23.80 4.23 11.77
C ARG B 60 23.90 3.96 13.27
N ALA B 70 12.64 3.71 16.64
CA ALA B 70 11.27 4.22 16.51
C ALA B 70 11.09 5.55 17.25
N ASP B 71 12.24 6.16 17.58
CA ASP B 71 12.43 7.32 18.45
C ASP B 71 12.84 8.60 17.71
N PRO B 72 12.17 9.72 17.95
CA PRO B 72 12.53 10.95 17.22
C PRO B 72 13.94 11.45 17.48
N GLU B 73 14.45 11.33 18.71
CA GLU B 73 15.82 11.74 18.97
C GLU B 73 16.81 10.96 18.11
N VAL B 74 16.54 9.66 17.90
CA VAL B 74 17.38 8.85 17.03
C VAL B 74 17.36 9.40 15.61
N GLY B 75 16.18 9.81 15.13
CA GLY B 75 16.09 10.32 13.77
C GLY B 75 16.80 11.64 13.60
N ARG B 76 16.75 12.50 14.63
CA ARG B 76 17.43 13.79 14.58
C ARG B 76 18.95 13.60 14.58
N LYS B 77 19.48 12.75 15.48
CA LYS B 77 20.92 12.59 15.51
C LYS B 77 21.41 11.97 14.21
N ALA B 78 20.69 10.97 13.70
CA ALA B 78 21.10 10.36 12.44
C ALA B 78 21.18 11.40 11.33
N ALA B 79 20.20 12.32 11.26
CA ALA B 79 20.22 13.36 10.23
C ALA B 79 21.34 14.39 10.49
N GLU B 80 21.53 14.82 11.72
CA GLU B 80 22.62 15.79 11.94
C GLU B 80 23.96 15.17 11.61
N ASP B 81 24.15 13.90 11.97
CA ASP B 81 25.38 13.23 11.60
C ASP B 81 25.60 13.28 10.09
N ALA B 82 24.54 13.40 9.30
CA ALA B 82 24.74 13.45 7.85
C ALA B 82 24.45 14.82 7.24
N LYS B 83 24.55 15.91 8.04
CA LYS B 83 24.14 17.21 7.57
C LYS B 83 24.87 17.59 6.28
N ASP B 84 26.15 17.25 6.16
CA ASP B 84 26.87 17.65 4.96
C ASP B 84 26.37 16.90 3.73
N GLU B 85 26.19 15.58 3.83
CA GLU B 85 25.68 14.84 2.69
C GLU B 85 24.29 15.33 2.31
N ILE B 86 23.42 15.51 3.32
CA ILE B 86 22.08 16.00 3.06
C ILE B 86 22.13 17.32 2.30
N GLU B 87 22.99 18.26 2.79
CA GLU B 87 23.10 19.58 2.18
C GLU B 87 23.53 19.50 0.73
N GLU B 88 24.43 18.58 0.40
CA GLU B 88 24.85 18.48 -0.99
C GLU B 88 23.71 18.03 -1.90
N LEU B 89 22.79 17.18 -1.39
CA LEU B 89 21.65 16.75 -2.19
C LEU B 89 20.66 17.88 -2.45
N LEU B 90 20.55 18.81 -1.53
CA LEU B 90 19.59 19.90 -1.60
C LEU B 90 20.11 21.11 -2.35
N ARG B 91 21.42 21.30 -2.35
CA ARG B 91 22.07 22.41 -3.04
C ARG B 91 21.52 22.59 -4.45
N GLY B 92 21.11 23.81 -4.76
CA GLY B 92 20.56 24.12 -6.06
C GLY B 92 19.06 24.30 -6.10
N ALA B 93 18.34 23.88 -5.07
CA ALA B 93 16.89 23.88 -5.10
C ALA B 93 16.32 25.26 -4.83
N ASP B 94 15.29 25.63 -5.59
CA ASP B 94 14.54 26.83 -5.23
C ASP B 94 13.51 26.52 -4.18
N MET B 95 13.03 25.27 -4.18
CA MET B 95 11.95 24.81 -3.31
C MET B 95 12.24 23.37 -2.86
N VAL B 96 12.13 23.13 -1.56
CA VAL B 96 12.22 21.81 -0.94
C VAL B 96 10.94 21.51 -0.16
N PHE B 97 10.31 20.36 -0.46
CA PHE B 97 9.25 19.80 0.40
C PHE B 97 9.86 18.73 1.29
N VAL B 98 9.46 18.69 2.54
CA VAL B 98 9.94 17.72 3.51
C VAL B 98 8.74 17.09 4.20
N THR B 99 8.61 15.76 4.12
CA THR B 99 7.57 15.09 4.91
C THR B 99 8.03 13.75 5.47
N ALA B 100 7.61 13.45 6.71
CA ALA B 100 7.71 12.11 7.26
C ALA B 100 6.42 11.34 7.09
N GLY B 101 5.46 11.87 6.32
CA GLY B 101 4.29 11.14 5.96
C GLY B 101 3.47 10.68 7.15
N GLU B 102 2.70 9.60 6.93
CA GLU B 102 1.87 9.01 7.99
C GLU B 102 2.73 8.21 8.96
N GLY B 103 2.27 8.12 10.18
CA GLY B 103 2.98 7.35 11.17
C GLY B 103 3.98 8.21 11.94
N GLY B 104 4.51 7.62 13.00
CA GLY B 104 5.62 8.17 13.72
C GLY B 104 6.95 7.60 13.28
N GLY B 105 7.93 7.73 14.15
CA GLY B 105 9.20 7.08 13.94
C GLY B 105 10.32 8.08 13.86
N THR B 106 11.46 7.60 13.35
CA THR B 106 12.67 8.39 13.28
C THR B 106 12.50 9.53 12.29
N GLY B 107 11.66 9.33 11.27
CA GLY B 107 11.43 10.40 10.31
C GLY B 107 11.01 11.68 10.99
N THR B 108 10.16 11.57 12.01
CA THR B 108 9.69 12.73 12.76
C THR B 108 10.85 13.60 13.26
N GLY B 109 11.92 12.98 13.72
CA GLY B 109 13.07 13.68 14.26
C GLY B 109 13.96 14.21 13.16
N GLY B 110 14.10 13.46 12.07
CA GLY B 110 14.99 13.86 10.99
C GLY B 110 14.43 14.94 10.08
N ALA B 111 13.10 15.00 9.93
CA ALA B 111 12.43 16.01 9.11
C ALA B 111 12.90 17.43 9.45
N PRO B 112 12.80 17.90 10.70
CA PRO B 112 13.25 19.28 10.98
C PRO B 112 14.70 19.52 10.59
N VAL B 113 15.58 18.52 10.69
CA VAL B 113 16.97 18.72 10.31
C VAL B 113 17.08 19.00 8.82
N VAL B 114 16.42 18.20 7.99
CA VAL B 114 16.40 18.43 6.54
C VAL B 114 15.83 19.82 6.23
N ALA B 115 14.71 20.16 6.88
CA ALA B 115 14.07 21.45 6.62
C ALA B 115 15.01 22.59 6.93
N SER B 116 15.72 22.54 8.07
CA SER B 116 16.61 23.65 8.44
C SER B 116 17.78 23.77 7.46
N ILE B 117 18.28 22.63 6.96
CA ILE B 117 19.32 22.65 5.94
C ILE B 117 18.80 23.32 4.67
N ALA B 118 17.59 22.95 4.25
CA ALA B 118 17.05 23.56 3.04
C ALA B 118 16.88 25.06 3.21
N ARG B 119 16.40 25.50 4.37
CA ARG B 119 16.15 26.93 4.53
C ARG B 119 17.45 27.73 4.67
N LYS B 120 18.46 27.17 5.35
CA LYS B 120 19.78 27.82 5.36
C LYS B 120 20.39 27.88 3.97
N LEU B 121 20.10 26.90 3.12
CA LEU B 121 20.49 26.99 1.73
C LEU B 121 19.71 28.07 0.99
N GLY B 122 18.68 28.67 1.61
CA GLY B 122 17.85 29.65 0.92
C GLY B 122 16.74 29.10 0.05
N ALA B 123 16.50 27.79 0.04
CA ALA B 123 15.34 27.25 -0.65
C ALA B 123 14.06 27.61 0.08
N LEU B 124 13.00 27.84 -0.68
CA LEU B 124 11.68 27.92 -0.09
C LEU B 124 11.31 26.54 0.49
N THR B 125 11.12 26.48 1.81
CA THR B 125 11.09 25.20 2.53
C THR B 125 9.66 24.98 3.03
N VAL B 126 9.01 23.94 2.48
CA VAL B 126 7.61 23.62 2.77
C VAL B 126 7.56 22.25 3.47
N GLY B 127 7.21 22.27 4.76
CA GLY B 127 7.00 21.05 5.49
C GLY B 127 5.57 20.57 5.26
N VAL B 128 5.42 19.25 5.21
CA VAL B 128 4.09 18.62 5.14
C VAL B 128 4.00 17.59 6.25
N VAL B 129 3.04 17.78 7.17
CA VAL B 129 2.91 16.93 8.35
C VAL B 129 1.44 16.59 8.55
N THR B 130 1.18 15.41 9.13
CA THR B 130 -0.17 14.91 9.39
C THR B 130 -0.39 14.78 10.90
N ARG B 131 -1.49 15.30 11.37
CA ARG B 131 -1.93 14.89 12.71
C ARG B 131 -2.61 13.54 12.60
N PRO B 132 -2.24 12.56 13.40
CA PRO B 132 -2.89 11.25 13.30
C PRO B 132 -4.35 11.35 13.73
N PHE B 133 -5.11 10.34 13.34
CA PHE B 133 -6.48 10.20 13.81
C PHE B 133 -6.47 10.05 15.33
N SER B 134 -7.51 10.56 15.98
CA SER B 134 -7.55 10.43 17.43
C SER B 134 -7.68 8.97 17.85
N PHE B 135 -8.34 8.15 17.01
CA PHE B 135 -8.45 6.75 17.41
C PHE B 135 -7.13 6.02 17.36
N GLU B 136 -6.04 6.67 16.97
CA GLU B 136 -4.76 5.99 16.98
C GLU B 136 -4.05 6.01 18.33
N GLY B 137 -4.52 6.77 19.33
CA GLY B 137 -3.78 6.77 20.55
C GLY B 137 -2.72 7.83 20.41
N LYS B 138 -1.84 7.85 21.40
CA LYS B 138 -0.80 8.85 21.46
C LYS B 138 0.37 8.17 22.09
N ARG B 139 1.54 8.35 21.52
CA ARG B 139 2.56 7.78 22.33
C ARG B 139 3.43 8.91 22.92
N ARG B 140 3.77 8.70 24.19
CA ARG B 140 4.07 9.80 25.09
C ARG B 140 5.25 10.65 24.67
N SER B 141 5.52 11.70 25.45
CA SER B 141 6.34 12.87 25.13
C SER B 141 5.46 13.92 24.44
N ASN B 142 4.16 13.65 24.19
CA ASN B 142 3.37 14.41 23.21
C ASN B 142 4.10 14.38 21.86
N GLN B 143 4.48 13.17 21.45
CA GLN B 143 5.50 13.03 20.41
C GLN B 143 5.12 13.69 19.10
N ALA B 144 3.86 13.52 18.66
CA ALA B 144 3.43 14.07 17.37
C ALA B 144 3.34 15.59 17.43
N GLU B 145 2.82 16.14 18.52
CA GLU B 145 2.77 17.59 18.69
C GLU B 145 4.18 18.19 18.70
N ASN B 146 5.13 17.54 19.36
CA ASN B 146 6.48 18.06 19.36
C ASN B 146 7.07 18.02 17.96
N GLY B 147 6.74 16.96 17.20
CA GLY B 147 7.27 16.82 15.86
C GLY B 147 6.82 17.95 14.94
N ILE B 148 5.58 18.37 15.08
CA ILE B 148 5.08 19.52 14.33
C ILE B 148 5.83 20.79 14.75
N ALA B 149 5.98 20.99 16.05
CA ALA B 149 6.60 22.23 16.49
C ALA B 149 8.03 22.32 15.99
N ALA B 150 8.77 21.22 16.08
CA ALA B 150 10.14 21.24 15.58
C ALA B 150 10.14 21.50 14.09
N LEU B 151 9.21 20.89 13.36
CA LEU B 151 9.18 21.15 11.93
C LEU B 151 8.80 22.61 11.64
N ARG B 152 7.80 23.15 12.34
CA ARG B 152 7.45 24.52 12.03
C ARG B 152 8.56 25.48 12.46
N GLU B 153 9.43 25.07 13.37
CA GLU B 153 10.56 25.90 13.76
C GLU B 153 11.55 26.07 12.61
N SER B 154 11.50 25.20 11.60
CA SER B 154 12.52 25.25 10.56
C SER B 154 11.97 25.29 9.14
N CYS B 155 10.68 25.46 8.95
CA CYS B 155 10.03 25.55 7.65
C CYS B 155 9.57 26.97 7.35
N ASP B 156 9.65 27.37 6.08
CA ASP B 156 8.93 28.57 5.68
C ASP B 156 7.43 28.39 5.87
N THR B 157 6.86 27.33 5.31
CA THR B 157 5.45 27.00 5.46
C THR B 157 5.36 25.54 5.90
N LEU B 158 4.53 25.31 6.89
CA LEU B 158 4.22 23.97 7.39
C LEU B 158 2.76 23.68 7.05
N ILE B 159 2.54 22.78 6.11
CA ILE B 159 1.19 22.34 5.78
C ILE B 159 0.82 21.23 6.77
N VAL B 160 -0.21 21.47 7.57
CA VAL B 160 -0.67 20.54 8.59
C VAL B 160 -1.95 19.91 8.11
N ILE B 161 -2.01 18.59 8.09
CA ILE B 161 -3.17 17.84 7.63
C ILE B 161 -3.82 17.17 8.83
N PRO B 162 -4.98 17.63 9.27
CA PRO B 162 -5.59 17.01 10.45
C PRO B 162 -6.44 15.83 10.01
N ASN B 163 -5.93 14.61 10.23
CA ASN B 163 -6.58 13.44 9.69
C ASN B 163 -7.98 13.28 10.23
N ASP B 164 -8.22 13.71 11.49
CA ASP B 164 -9.57 13.61 12.07
C ASP B 164 -10.61 14.24 11.17
N ARG B 165 -10.26 15.35 10.50
N ARG B 165 -10.26 15.35 10.50
CA ARG B 165 -11.25 16.05 9.69
CA ARG B 165 -11.25 16.06 9.70
C ARG B 165 -11.67 15.26 8.47
C ARG B 165 -11.68 15.26 8.48
N LEU B 166 -10.89 14.25 8.08
CA LEU B 166 -11.33 13.33 7.03
C LEU B 166 -12.61 12.59 7.41
N LEU B 167 -12.87 12.33 8.69
CA LEU B 167 -14.10 11.57 8.97
C LEU B 167 -15.38 12.38 8.71
N GLN B 168 -15.26 13.69 8.54
CA GLN B 168 -16.35 14.58 8.12
C GLN B 168 -16.51 14.72 6.60
N MET B 169 -15.70 14.04 5.79
CA MET B 169 -15.75 14.17 4.32
C MET B 169 -16.30 12.90 3.66
N ALA B 172 -19.65 12.17 5.52
CA ALA B 172 -19.81 10.81 4.98
C ALA B 172 -20.03 9.75 6.10
N ALA B 173 -19.96 8.43 5.75
CA ALA B 173 -19.86 7.36 6.77
C ALA B 173 -18.64 6.50 6.41
N VAL B 174 -17.47 7.11 6.61
CA VAL B 174 -16.20 6.54 6.20
C VAL B 174 -15.88 5.27 7.02
N SER B 175 -15.39 4.23 6.34
CA SER B 175 -14.92 3.00 6.97
C SER B 175 -13.47 3.19 7.41
N LEU B 176 -12.99 2.27 8.25
CA LEU B 176 -11.60 2.39 8.73
C LEU B 176 -10.61 2.35 7.57
N MET B 177 -10.83 1.45 6.60
CA MET B 177 -9.94 1.40 5.45
C MET B 177 -10.01 2.69 4.63
N ASP B 178 -11.22 3.22 4.44
CA ASP B 178 -11.41 4.46 3.67
C ASP B 178 -10.70 5.61 4.35
N ALA B 179 -10.74 5.63 5.69
CA ALA B 179 -10.11 6.72 6.39
C ALA B 179 -8.61 6.71 6.14
N PHE B 180 -7.99 5.52 6.08
CA PHE B 180 -6.55 5.46 5.84
C PHE B 180 -6.22 5.78 4.39
N ARG B 181 -7.03 5.28 3.45
CA ARG B 181 -6.79 5.59 2.05
C ARG B 181 -6.95 7.07 1.78
N SER B 182 -7.97 7.70 2.39
CA SER B 182 -8.15 9.15 2.27
C SER B 182 -6.97 9.93 2.82
N ALA B 183 -6.48 9.55 4.00
CA ALA B 183 -5.32 10.24 4.52
C ALA B 183 -4.16 10.17 3.53
N ASP B 184 -3.88 8.99 2.98
CA ASP B 184 -2.78 8.89 2.00
C ASP B 184 -3.01 9.81 0.81
N GLU B 185 -4.24 9.83 0.26
CA GLU B 185 -4.46 10.62 -0.96
C GLU B 185 -4.27 12.11 -0.68
N VAL B 186 -4.79 12.62 0.44
CA VAL B 186 -4.71 14.06 0.68
C VAL B 186 -3.29 14.45 1.04
N LEU B 187 -2.52 13.56 1.67
CA LEU B 187 -1.10 13.85 1.85
C LEU B 187 -0.41 14.05 0.50
N LEU B 188 -0.60 13.10 -0.42
CA LEU B 188 -0.04 13.25 -1.76
C LEU B 188 -0.44 14.56 -2.41
N ASN B 189 -1.72 14.94 -2.28
CA ASN B 189 -2.13 16.23 -2.84
C ASN B 189 -1.49 17.43 -2.15
N GLY B 190 -1.11 17.29 -0.89
CA GLY B 190 -0.44 18.39 -0.22
C GLY B 190 0.83 18.78 -0.95
N VAL B 191 1.46 17.83 -1.62
CA VAL B 191 2.51 18.18 -2.53
C VAL B 191 1.99 18.48 -3.94
N GLN B 192 1.22 17.58 -4.53
CA GLN B 192 0.96 17.67 -5.97
C GLN B 192 0.23 18.96 -6.34
N GLY B 193 -0.78 19.35 -5.56
CA GLY B 193 -1.59 20.49 -5.94
C GLY B 193 -0.76 21.74 -6.14
N ILE B 194 0.23 21.96 -5.27
CA ILE B 194 1.13 23.10 -5.38
C ILE B 194 2.15 22.87 -6.48
N THR B 195 2.80 21.69 -6.52
CA THR B 195 3.90 21.51 -7.46
C THR B 195 3.39 21.53 -8.89
N ASP B 196 2.21 20.95 -9.13
CA ASP B 196 1.67 20.98 -10.50
C ASP B 196 1.37 22.42 -10.95
N LEU B 197 0.94 23.27 -10.00
CA LEU B 197 0.63 24.66 -10.33
C LEU B 197 1.88 25.36 -10.86
N ILE B 198 3.02 25.09 -10.23
CA ILE B 198 4.27 25.72 -10.59
C ILE B 198 4.86 25.06 -11.84
N THR B 199 4.91 23.72 -11.89
CA THR B 199 5.67 23.00 -12.89
C THR B 199 4.88 22.67 -14.15
N THR B 200 3.56 22.68 -14.10
CA THR B 200 2.84 22.10 -15.24
C THR B 200 1.94 23.14 -15.90
N PRO B 201 2.01 23.26 -17.21
CA PRO B 201 1.28 24.35 -17.86
C PRO B 201 -0.21 24.21 -17.70
N GLY B 202 -0.87 25.35 -17.58
CA GLY B 202 -2.30 25.41 -17.72
C GLY B 202 -2.68 26.70 -18.41
N LEU B 203 -3.99 26.91 -18.55
CA LEU B 203 -4.50 28.15 -19.13
C LEU B 203 -4.03 29.36 -18.33
N ILE B 204 -4.20 29.32 -17.00
CA ILE B 204 -3.73 30.35 -16.09
C ILE B 204 -2.48 29.85 -15.37
N ASN B 205 -1.31 30.40 -15.74
CA ASN B 205 -0.02 30.07 -15.14
C ASN B 205 0.41 31.12 -14.13
N VAL B 206 1.30 30.73 -13.21
CA VAL B 206 1.78 31.63 -12.18
C VAL B 206 3.32 31.69 -12.17
N ASP B 207 3.83 32.68 -11.43
CA ASP B 207 5.25 32.91 -11.19
C ASP B 207 5.69 32.18 -9.92
N PHE B 208 6.77 31.41 -10.00
CA PHE B 208 7.34 30.87 -8.76
C PHE B 208 7.56 31.98 -7.72
N ALA B 209 7.93 33.19 -8.18
CA ALA B 209 8.17 34.30 -7.25
C ALA B 209 6.92 34.66 -6.46
N ASP B 210 5.74 34.65 -7.10
CA ASP B 210 4.51 34.86 -6.36
C ASP B 210 4.38 33.83 -5.24
N VAL B 211 4.55 32.56 -5.60
CA VAL B 211 4.44 31.48 -4.62
C VAL B 211 5.45 31.67 -3.50
N LYS B 212 6.67 32.10 -3.84
CA LYS B 212 7.65 32.35 -2.78
C LYS B 212 7.17 33.43 -1.86
N GLY B 213 6.44 34.41 -2.40
CA GLY B 213 5.97 35.52 -1.58
C GLY B 213 4.89 35.16 -0.58
N ILE B 214 3.92 34.33 -0.97
CA ILE B 214 2.91 33.99 0.02
C ILE B 214 3.39 32.92 1.00
N MET B 215 4.33 32.05 0.60
CA MET B 215 4.75 30.96 1.50
C MET B 215 6.00 31.25 2.32
N SER B 216 6.87 32.15 1.88
CA SER B 216 8.11 32.40 2.62
C SER B 216 7.79 32.98 4.00
N GLY B 217 8.46 32.45 5.03
CA GLY B 217 8.17 32.86 6.40
C GLY B 217 6.70 32.84 6.83
N ALA B 218 5.83 32.14 6.10
CA ALA B 218 4.39 32.21 6.32
C ALA B 218 3.88 31.42 7.54
N GLY B 219 4.64 30.45 8.07
CA GLY B 219 4.21 29.66 9.21
C GLY B 219 3.31 28.47 8.89
N THR B 220 2.26 28.27 9.67
CA THR B 220 1.38 27.14 9.49
C THR B 220 0.42 27.39 8.32
N ALA B 221 0.13 26.32 7.56
CA ALA B 221 -0.88 26.35 6.51
C ALA B 221 -1.84 25.17 6.62
N LEU B 222 -3.04 25.34 6.10
CA LEU B 222 -4.02 24.27 5.94
C LEU B 222 -4.38 24.15 4.46
N MET B 223 -4.97 23.02 4.10
CA MET B 223 -5.32 22.69 2.73
C MET B 223 -6.78 22.26 2.62
N GLY B 224 -7.37 22.49 1.45
CA GLY B 224 -8.70 21.99 1.15
C GLY B 224 -8.76 21.52 -0.29
N ILE B 225 -9.60 20.51 -0.55
CA ILE B 225 -9.69 19.90 -1.87
C ILE B 225 -11.15 19.76 -2.25
N GLY B 226 -11.41 19.74 -3.55
CA GLY B 226 -12.77 19.60 -4.06
C GLY B 226 -12.72 19.02 -5.45
N SER B 227 -13.76 18.28 -5.80
CA SER B 227 -13.90 17.65 -7.11
C SER B 227 -15.36 17.74 -7.56
N ALA B 228 -15.55 17.78 -8.88
CA ALA B 228 -16.87 17.81 -9.47
C ALA B 228 -16.77 17.42 -10.95
N ARG B 229 -17.89 16.94 -11.47
CA ARG B 229 -18.05 16.69 -12.90
C ARG B 229 -19.17 17.57 -13.40
N GLY B 230 -19.24 17.69 -14.73
CA GLY B 230 -20.42 18.26 -15.33
C GLY B 230 -20.52 19.77 -15.26
N GLU B 231 -21.78 20.22 -15.22
CA GLU B 231 -22.11 21.63 -15.33
C GLU B 231 -21.61 22.39 -14.11
N GLY B 232 -20.88 23.48 -14.36
CA GLY B 232 -20.40 24.29 -13.25
C GLY B 232 -19.41 23.56 -12.39
N ARG B 233 -18.69 22.60 -12.96
CA ARG B 233 -17.78 21.77 -12.18
C ARG B 233 -16.75 22.60 -11.44
N SER B 234 -16.24 23.66 -12.08
CA SER B 234 -15.18 24.41 -11.42
C SER B 234 -15.70 25.16 -10.21
N LEU B 235 -16.90 25.71 -10.31
CA LEU B 235 -17.47 26.38 -9.15
C LEU B 235 -17.82 25.39 -8.06
N LYS B 236 -18.43 24.25 -8.42
CA LYS B 236 -18.73 23.27 -7.39
C LYS B 236 -17.45 22.82 -6.70
N ALA B 237 -16.46 22.33 -7.48
CA ALA B 237 -15.21 21.89 -6.87
C ALA B 237 -14.55 23.00 -6.05
N ALA B 238 -14.59 24.24 -6.54
CA ALA B 238 -13.95 25.31 -5.77
C ALA B 238 -14.68 25.52 -4.45
N GLU B 239 -16.00 25.43 -4.47
CA GLU B 239 -16.77 25.64 -3.26
C GLU B 239 -16.58 24.50 -2.28
N ILE B 240 -16.45 23.28 -2.78
CA ILE B 240 -16.09 22.20 -1.88
C ILE B 240 -14.74 22.47 -1.24
N ALA B 241 -13.76 22.92 -2.04
CA ALA B 241 -12.41 23.11 -1.51
C ALA B 241 -12.37 24.23 -0.48
N ILE B 242 -12.96 25.39 -0.80
CA ILE B 242 -12.90 26.48 0.16
C ILE B 242 -13.64 26.14 1.44
N ASN B 243 -14.53 25.14 1.40
CA ASN B 243 -15.30 24.75 2.58
C ASN B 243 -14.78 23.49 3.26
N SER B 244 -13.62 23.01 2.85
CA SER B 244 -13.14 21.71 3.29
C SER B 244 -12.95 21.66 4.81
N PRO B 245 -13.40 20.59 5.48
CA PRO B 245 -13.10 20.48 6.91
C PRO B 245 -11.62 20.49 7.18
N LEU B 246 -10.81 20.09 6.18
CA LEU B 246 -9.37 20.17 6.36
C LEU B 246 -8.88 21.60 6.56
N LEU B 247 -9.64 22.62 6.09
CA LEU B 247 -9.27 24.00 6.32
C LEU B 247 -9.71 24.51 7.67
N GLU B 248 -10.52 23.73 8.39
CA GLU B 248 -10.87 24.05 9.76
C GLU B 248 -11.41 25.47 9.89
N ALA B 249 -12.24 25.87 8.92
CA ALA B 249 -12.91 27.17 8.90
C ALA B 249 -11.93 28.33 9.00
N SER B 250 -10.71 28.17 8.48
CA SER B 250 -9.68 29.19 8.60
C SER B 250 -9.49 29.98 7.31
N MET B 251 -10.35 29.75 6.31
CA MET B 251 -10.21 30.49 5.06
C MET B 251 -10.44 31.98 5.27
N GLU B 252 -11.32 32.33 6.19
CA GLU B 252 -11.73 33.72 6.19
C GLU B 252 -10.65 34.61 6.77
N GLY B 253 -9.80 34.07 7.64
CA GLY B 253 -8.69 34.78 8.23
C GLY B 253 -7.33 34.58 7.60
N ALA B 254 -7.21 33.75 6.57
CA ALA B 254 -5.88 33.52 6.02
C ALA B 254 -5.38 34.75 5.28
N GLN B 255 -4.12 35.07 5.45
CA GLN B 255 -3.56 36.21 4.75
C GLN B 255 -2.83 35.80 3.48
N GLY B 256 -2.52 34.52 3.30
CA GLY B 256 -2.07 33.97 2.04
C GLY B 256 -2.95 32.85 1.57
N VAL B 257 -3.36 32.90 0.30
CA VAL B 257 -4.26 31.90 -0.25
C VAL B 257 -3.76 31.53 -1.64
N LEU B 258 -3.56 30.24 -1.83
CA LEU B 258 -3.14 29.64 -3.09
C LEU B 258 -4.26 28.74 -3.54
N MET B 259 -4.65 28.84 -4.81
CA MET B 259 -5.68 27.99 -5.36
C MET B 259 -5.24 27.55 -6.75
N SER B 260 -5.36 26.24 -7.01
CA SER B 260 -5.05 25.65 -8.29
C SER B 260 -6.19 24.76 -8.77
N ILE B 261 -6.55 24.87 -10.04
CA ILE B 261 -7.64 24.09 -10.65
C ILE B 261 -7.06 23.17 -11.70
N ALA B 262 -7.15 21.87 -11.49
CA ALA B 262 -6.68 20.88 -12.47
C ALA B 262 -7.88 20.35 -13.23
N GLY B 263 -7.77 20.33 -14.55
CA GLY B 263 -8.87 19.91 -15.39
C GLY B 263 -8.37 19.69 -16.80
N GLY B 264 -9.30 19.33 -17.69
CA GLY B 264 -8.95 19.16 -19.08
C GLY B 264 -8.72 20.49 -19.77
N SER B 265 -8.09 20.41 -20.95
CA SER B 265 -7.71 21.63 -21.65
C SER B 265 -8.86 22.31 -22.35
N ASP B 266 -10.05 21.71 -22.33
CA ASP B 266 -11.27 22.33 -22.85
C ASP B 266 -11.97 23.23 -21.83
N LEU B 267 -11.38 23.50 -20.68
CA LEU B 267 -12.06 24.25 -19.61
C LEU B 267 -12.02 25.74 -19.91
N GLY B 268 -13.18 26.36 -20.02
CA GLY B 268 -13.23 27.71 -20.51
C GLY B 268 -12.78 28.72 -19.49
N LEU B 269 -12.24 29.82 -20.03
CA LEU B 269 -11.78 30.94 -19.23
C LEU B 269 -12.88 31.48 -18.34
N PHE B 270 -14.11 31.56 -18.86
CA PHE B 270 -15.20 32.09 -18.05
C PHE B 270 -15.43 31.22 -16.81
N GLU B 271 -15.50 29.91 -17.00
CA GLU B 271 -15.74 29.00 -15.88
CA GLU B 271 -15.77 29.07 -15.84
C GLU B 271 -14.57 29.04 -14.89
N ILE B 272 -13.35 29.07 -15.42
CA ILE B 272 -12.21 29.18 -14.53
C ILE B 272 -12.33 30.44 -13.70
N ASN B 273 -12.66 31.54 -14.36
CA ASN B 273 -12.68 32.82 -13.68
C ASN B 273 -13.76 32.86 -12.60
N GLU B 274 -14.88 32.15 -12.80
CA GLU B 274 -15.91 32.09 -11.76
C GLU B 274 -15.38 31.49 -10.47
N ALA B 275 -14.54 30.44 -10.58
CA ALA B 275 -13.91 29.89 -9.38
C ALA B 275 -12.92 30.89 -8.77
N ALA B 276 -12.13 31.57 -9.61
CA ALA B 276 -11.18 32.56 -9.10
C ALA B 276 -11.88 33.69 -8.36
N SER B 277 -13.01 34.14 -8.89
CA SER B 277 -13.79 35.19 -8.25
C SER B 277 -14.34 34.72 -6.90
N LEU B 278 -14.84 33.47 -6.83
CA LEU B 278 -15.34 32.90 -5.56
C LEU B 278 -14.26 32.83 -4.47
N VAL B 279 -13.04 32.38 -4.81
CA VAL B 279 -12.03 32.33 -3.75
C VAL B 279 -11.72 33.74 -3.27
N GLN B 280 -11.84 34.73 -4.15
CA GLN B 280 -11.58 36.11 -3.72
C GLN B 280 -12.67 36.64 -2.80
N ASP B 281 -13.94 36.31 -3.10
CA ASP B 281 -15.02 36.65 -2.16
C ASP B 281 -14.86 35.91 -0.85
N ALA B 282 -14.50 34.63 -0.90
CA ALA B 282 -14.38 33.86 0.32
C ALA B 282 -13.19 34.26 1.16
N ALA B 283 -12.17 34.86 0.56
CA ALA B 283 -10.96 35.15 1.32
C ALA B 283 -11.08 36.50 2.04
N HIS B 284 -10.23 36.64 3.05
CA HIS B 284 -10.05 37.93 3.70
C HIS B 284 -9.73 38.99 2.65
N PRO B 285 -10.28 40.20 2.79
CA PRO B 285 -9.99 41.28 1.85
C PRO B 285 -8.52 41.57 1.64
N ASP B 286 -7.68 41.52 2.69
CA ASP B 286 -6.29 41.89 2.51
C ASP B 286 -5.40 40.70 2.14
N ALA B 287 -5.96 39.57 1.71
CA ALA B 287 -5.17 38.38 1.44
C ALA B 287 -4.41 38.47 0.13
N ASN B 288 -3.18 38.00 0.14
CA ASN B 288 -2.50 37.60 -1.09
C ASN B 288 -3.20 36.38 -1.65
N ILE B 289 -3.53 36.43 -2.94
CA ILE B 289 -4.14 35.28 -3.60
C ILE B 289 -3.37 34.93 -4.87
N ILE B 290 -2.93 33.68 -4.95
CA ILE B 290 -2.24 33.16 -6.12
C ILE B 290 -3.20 32.18 -6.78
N PHE B 291 -3.55 32.41 -8.04
CA PHE B 291 -4.54 31.56 -8.72
C PHE B 291 -3.99 30.99 -10.01
N GLY B 292 -4.15 29.68 -10.20
CA GLY B 292 -3.79 29.15 -11.50
C GLY B 292 -4.50 27.86 -11.82
N THR B 293 -4.28 27.43 -13.05
CA THR B 293 -4.81 26.16 -13.51
C THR B 293 -3.72 25.28 -14.13
N VAL B 294 -4.07 24.01 -14.23
CA VAL B 294 -3.20 22.93 -14.66
C VAL B 294 -3.98 22.10 -15.66
N ILE B 295 -3.41 21.90 -16.84
CA ILE B 295 -4.00 20.96 -17.81
C ILE B 295 -3.62 19.54 -17.41
N ASP B 296 -4.63 18.73 -17.11
CA ASP B 296 -4.43 17.32 -16.84
C ASP B 296 -5.58 16.61 -17.55
N ASP B 297 -5.31 16.18 -18.78
CA ASP B 297 -6.36 15.60 -19.62
C ASP B 297 -6.73 14.18 -19.18
N SER B 298 -5.93 13.56 -18.31
CA SER B 298 -6.28 12.24 -17.81
C SER B 298 -7.54 12.25 -16.97
N LEU B 299 -8.09 13.41 -16.65
CA LEU B 299 -9.18 13.53 -15.70
C LEU B 299 -10.57 13.50 -16.32
N GLY B 300 -10.67 13.51 -17.65
CA GLY B 300 -11.99 13.53 -18.26
C GLY B 300 -12.71 14.85 -18.08
N ASP B 301 -14.00 14.77 -17.74
CA ASP B 301 -14.79 15.96 -17.47
C ASP B 301 -14.82 16.30 -15.98
N GLU B 302 -13.91 15.73 -15.20
CA GLU B 302 -13.71 16.03 -13.79
C GLU B 302 -12.73 17.19 -13.63
N VAL B 303 -12.89 17.95 -12.56
CA VAL B 303 -11.97 19.03 -12.24
C VAL B 303 -11.61 18.95 -10.75
N ARG B 304 -10.38 19.27 -10.40
CA ARG B 304 -9.85 19.07 -9.05
C ARG B 304 -9.25 20.37 -8.54
N VAL B 305 -9.77 20.86 -7.42
CA VAL B 305 -9.32 22.12 -6.84
C VAL B 305 -8.51 21.86 -5.59
N THR B 306 -7.37 22.54 -5.47
CA THR B 306 -6.55 22.55 -4.28
C THR B 306 -6.46 23.97 -3.76
N VAL B 307 -6.65 24.14 -2.46
CA VAL B 307 -6.59 25.46 -1.83
C VAL B 307 -5.66 25.34 -0.64
N ILE B 308 -4.66 26.22 -0.60
CA ILE B 308 -3.72 26.31 0.50
C ILE B 308 -3.94 27.65 1.16
N ALA B 309 -4.22 27.64 2.46
CA ALA B 309 -4.46 28.87 3.23
C ALA B 309 -3.37 28.98 4.28
N ALA B 310 -2.63 30.09 4.26
CA ALA B 310 -1.57 30.38 5.24
C ALA B 310 -1.87 31.68 5.99
N GLY B 311 -1.10 31.92 7.07
CA GLY B 311 -1.21 33.16 7.84
C GLY B 311 -2.37 33.19 8.82
N PHE B 312 -2.82 34.40 9.14
CA PHE B 312 -3.88 34.65 10.11
C PHE B 312 -4.09 36.17 10.29
N ASP B 313 -5.28 36.60 10.69
CA ASP B 313 -5.59 38.01 10.91
C ASP B 313 -5.46 38.37 12.38
N VAL B 314 -4.74 39.45 12.67
CA VAL B 314 -4.70 40.00 14.03
C VAL B 314 -6.08 40.57 14.41
#